data_4P3H
#
_entry.id   4P3H
#
_cell.length_a   69.120
_cell.length_b   95.892
_cell.length_c   119.342
_cell.angle_alpha   90.000
_cell.angle_beta   90.000
_cell.angle_gamma   90.000
#
_symmetry.space_group_name_H-M   'I 2 2 2'
#
loop_
_entity.id
_entity.type
_entity.pdbx_description
1 polymer 'KSHV protease'
2 non-polymer N-[2-benzyl-4-(1H-tetrazol-5-yl)phenyl]-6-(cyclohexylmethyl)pyridine-2-carboxamide
3 non-polymer GLYCEROL
4 non-polymer 'DIMETHYL SULFOXIDE'
5 water water
#
_entity_poly.entity_id   1
_entity_poly.type   'polypeptide(L)'
_entity_poly.pdbx_seq_one_letter_code
;GLYVGGFVDVVSCPKLEQELYLDPDQVTDYLPVTEPLPITIEHLPETEVGWTLGLFQVSHGIFCTGAITSPAFLELASRL
ADTSHVARAPVKNLPKEPLLEILHTWLPGLSLSSIHPRELSQTPSGPVFQHVSLCALGRRRGTVAVYGHDAEWVVSRFSS
VSKSERAHILQHVSSCRLEDLSTPNFVSPLETL
;
_entity_poly.pdbx_strand_id   A,B
#
loop_
_chem_comp.id
_chem_comp.type
_chem_comp.name
_chem_comp.formula
25G non-polymer N-[2-benzyl-4-(1H-tetrazol-5-yl)phenyl]-6-(cyclohexylmethyl)pyridine-2-carboxamide 'C27 H28 N6 O'
DMS non-polymer 'DIMETHYL SULFOXIDE' 'C2 H6 O S'
GOL non-polymer GLYCEROL 'C3 H8 O3'
#
# COMPACT_ATOMS: atom_id res chain seq x y z
N GLY A 1 -4.22 13.12 19.12
CA GLY A 1 -3.86 12.70 17.77
C GLY A 1 -2.81 13.60 17.14
N LEU A 2 -2.12 13.08 16.11
CA LEU A 2 -1.24 13.92 15.31
C LEU A 2 -1.56 13.77 13.82
N TYR A 3 -1.81 14.89 13.17
CA TYR A 3 -2.06 14.97 11.73
C TYR A 3 -0.95 15.77 11.06
N VAL A 4 -0.71 15.48 9.80
CA VAL A 4 0.25 16.25 9.03
C VAL A 4 -0.40 16.63 7.72
N GLY A 5 -0.06 17.81 7.20
CA GLY A 5 -0.58 18.25 5.94
C GLY A 5 0.37 19.12 5.15
N GLY A 6 0.21 19.12 3.83
CA GLY A 6 0.97 20.02 2.99
C GLY A 6 1.01 19.59 1.56
N PHE A 7 1.56 20.46 0.72
CA PHE A 7 1.82 20.12 -0.68
C PHE A 7 3.07 19.27 -0.78
N VAL A 8 3.00 18.27 -1.67
CA VAL A 8 4.07 17.30 -1.83
C VAL A 8 4.93 17.58 -3.04
N ASP A 9 6.15 17.05 -2.99
CA ASP A 9 6.91 16.77 -4.20
C ASP A 9 6.62 15.33 -4.61
N VAL A 10 6.49 15.10 -5.92
CA VAL A 10 6.27 13.76 -6.50
C VAL A 10 7.60 13.24 -7.05
N VAL A 11 8.08 12.11 -6.52
CA VAL A 11 9.41 11.61 -6.86
C VAL A 11 9.38 10.13 -7.26
N SER A 12 10.04 9.81 -8.37
CA SER A 12 10.22 8.43 -8.81
C SER A 12 11.61 7.96 -8.38
N CYS A 13 11.69 6.77 -7.79
CA CYS A 13 12.96 6.21 -7.32
C CYS A 13 13.68 7.16 -6.36
N PRO A 14 12.97 7.66 -5.34
CA PRO A 14 13.59 8.58 -4.39
C PRO A 14 14.86 8.02 -3.76
N LYS A 15 15.88 8.86 -3.62
CA LYS A 15 17.14 8.52 -2.93
C LYS A 15 18.03 7.56 -3.73
N LEU A 16 17.62 7.21 -4.95
CA LEU A 16 18.38 6.32 -5.82
C LEU A 16 19.03 7.06 -6.97
N GLU A 17 19.92 6.37 -7.69
CA GLU A 17 20.56 6.93 -8.86
C GLU A 17 19.53 7.44 -9.88
N GLN A 18 18.43 6.71 -10.03
CA GLN A 18 17.46 7.01 -11.07
C GLN A 18 16.40 7.98 -10.57
N GLU A 19 16.68 8.62 -9.46
CA GLU A 19 15.73 9.55 -8.87
C GLU A 19 15.28 10.57 -9.90
N LEU A 20 13.98 10.78 -9.97
CA LEU A 20 13.39 11.72 -10.91
C LEU A 20 12.17 12.39 -10.28
N TYR A 21 12.24 13.70 -10.11
CA TYR A 21 11.11 14.49 -9.62
C TYR A 21 10.16 14.71 -10.79
N LEU A 22 8.88 14.46 -10.55
CA LEU A 22 7.85 14.58 -11.57
C LEU A 22 7.10 15.91 -11.46
N ASP A 23 6.76 16.52 -12.59
CA ASP A 23 5.80 17.61 -12.63
C ASP A 23 4.48 17.01 -12.13
N PRO A 24 3.76 17.72 -11.23
CA PRO A 24 2.52 17.13 -10.70
C PRO A 24 1.48 16.80 -11.79
N ASP A 25 1.52 17.51 -12.91
CA ASP A 25 0.54 17.24 -13.97
C ASP A 25 0.74 15.86 -14.60
N GLN A 26 1.90 15.24 -14.35
CA GLN A 26 2.16 13.90 -14.88
C GLN A 26 1.42 12.80 -14.13
N VAL A 27 0.91 13.13 -12.93
CA VAL A 27 0.19 12.14 -12.12
C VAL A 27 -1.24 12.56 -11.73
N THR A 28 -1.66 13.76 -12.10
CA THR A 28 -2.99 14.23 -11.69
C THR A 28 -4.13 13.35 -12.21
N ASP A 29 -3.92 12.67 -13.33
CA ASP A 29 -4.92 11.71 -13.84
C ASP A 29 -5.17 10.57 -12.86
N TYR A 30 -4.24 10.37 -11.93
CA TYR A 30 -4.31 9.24 -11.02
C TYR A 30 -4.71 9.67 -9.61
N LEU A 31 -5.18 10.92 -9.51
CA LEU A 31 -5.66 11.50 -8.26
C LEU A 31 -7.17 11.71 -8.36
N PRO A 32 -7.87 11.72 -7.22
CA PRO A 32 -7.34 11.59 -5.85
C PRO A 32 -7.02 10.16 -5.45
N VAL A 33 -6.16 10.03 -4.43
CA VAL A 33 -5.92 8.74 -3.78
C VAL A 33 -6.51 8.79 -2.38
N THR A 34 -7.56 8.00 -2.19
CA THR A 34 -8.34 8.03 -0.95
C THR A 34 -7.92 6.91 0.01
N GLU A 35 -7.29 5.87 -0.51
CA GLU A 35 -6.91 4.75 0.33
CA GLU A 35 -6.88 4.71 0.27
C GLU A 35 -5.55 5.00 0.98
N PRO A 36 -5.35 4.44 2.18
CA PRO A 36 -4.15 4.81 2.96
C PRO A 36 -2.84 4.27 2.38
N LEU A 37 -1.85 5.14 2.25
CA LEU A 37 -0.48 4.76 1.95
C LEU A 37 0.32 4.94 3.24
N PRO A 38 1.40 4.17 3.38
CA PRO A 38 2.27 4.37 4.53
C PRO A 38 2.94 5.71 4.49
N ILE A 39 3.15 6.28 5.68
CA ILE A 39 3.98 7.46 5.88
C ILE A 39 5.25 6.98 6.57
N THR A 40 6.38 7.19 5.92
CA THR A 40 7.70 6.82 6.48
C THR A 40 8.60 8.05 6.56
N ILE A 41 9.82 7.84 7.08
CA ILE A 41 10.78 8.93 7.21
C ILE A 41 11.89 8.73 6.17
N GLU A 42 12.11 9.72 5.30
CA GLU A 42 13.25 9.70 4.36
C GLU A 42 13.29 8.44 3.50
N HIS A 43 12.10 7.95 3.15
CA HIS A 43 11.97 6.81 2.24
C HIS A 43 12.65 5.57 2.76
N LEU A 44 12.76 5.47 4.08
CA LEU A 44 13.25 4.27 4.76
C LEU A 44 12.05 3.38 5.16
N PRO A 45 11.92 2.19 4.57
CA PRO A 45 10.69 1.42 4.81
C PRO A 45 10.45 0.94 6.25
N GLU A 46 11.50 0.91 7.05
CA GLU A 46 11.43 0.42 8.41
C GLU A 46 11.07 1.52 9.41
N THR A 47 10.70 2.69 8.88
CA THR A 47 10.32 3.85 9.70
C THR A 47 8.86 4.30 9.46
N GLU A 48 7.93 3.37 9.21
CA GLU A 48 6.52 3.75 9.10
C GLU A 48 6.05 4.37 10.41
N VAL A 49 5.43 5.55 10.32
CA VAL A 49 4.91 6.25 11.49
C VAL A 49 3.43 6.59 11.38
N GLY A 50 2.82 6.28 10.25
CA GLY A 50 1.42 6.62 10.09
C GLY A 50 0.89 6.29 8.71
N TRP A 51 -0.24 6.87 8.36
CA TRP A 51 -0.99 6.52 7.15
C TRP A 51 -1.55 7.77 6.51
N THR A 52 -1.53 7.86 5.18
CA THR A 52 -2.16 8.98 4.52
C THR A 52 -3.68 8.89 4.60
N LEU A 53 -4.33 10.03 4.58
CA LEU A 53 -5.79 10.09 4.61
C LEU A 53 -6.37 10.59 3.31
N GLY A 54 -5.51 11.08 2.42
CA GLY A 54 -5.94 11.61 1.13
C GLY A 54 -4.83 12.34 0.41
N LEU A 55 -4.79 12.15 -0.90
CA LEU A 55 -3.92 12.91 -1.79
C LEU A 55 -4.82 13.51 -2.87
N PHE A 56 -4.82 14.84 -2.96
CA PHE A 56 -5.77 15.55 -3.79
C PHE A 56 -5.11 16.58 -4.69
N GLN A 57 -5.61 16.68 -5.91
CA GLN A 57 -5.22 17.75 -6.82
C GLN A 57 -5.98 18.99 -6.41
N VAL A 58 -5.25 20.05 -6.10
CA VAL A 58 -5.86 21.36 -5.90
C VAL A 58 -5.20 22.34 -6.86
N SER A 59 -5.62 23.60 -6.83
CA SER A 59 -5.11 24.59 -7.77
C SER A 59 -3.58 24.68 -7.80
N HIS A 60 -2.99 24.80 -6.62
CA HIS A 60 -1.56 25.09 -6.45
CA HIS A 60 -1.56 25.08 -6.53
C HIS A 60 -0.69 23.83 -6.51
N GLY A 61 -1.30 22.65 -6.57
CA GLY A 61 -0.54 21.42 -6.63
C GLY A 61 -1.25 20.21 -6.05
N ILE A 62 -0.47 19.31 -5.46
CA ILE A 62 -1.00 18.06 -4.89
C ILE A 62 -0.86 18.10 -3.35
N PHE A 63 -2.00 18.10 -2.66
CA PHE A 63 -2.05 18.23 -1.21
C PHE A 63 -2.24 16.87 -0.56
N CYS A 64 -1.47 16.63 0.50
CA CYS A 64 -1.54 15.42 1.30
C CYS A 64 -1.99 15.72 2.71
N THR A 65 -2.86 14.88 3.23
CA THR A 65 -3.20 14.88 4.64
CA THR A 65 -3.24 14.87 4.63
C THR A 65 -2.88 13.49 5.15
N GLY A 66 -2.27 13.44 6.34
CA GLY A 66 -1.91 12.16 6.94
C GLY A 66 -2.14 12.14 8.43
N ALA A 67 -2.18 10.93 8.98
CA ALA A 67 -2.24 10.74 10.44
C ALA A 67 -0.96 10.05 10.88
N ILE A 68 -0.30 10.61 11.88
CA ILE A 68 0.85 9.99 12.51
C ILE A 68 0.34 9.19 13.70
N THR A 69 0.38 7.86 13.61
CA THR A 69 -0.37 7.00 14.55
C THR A 69 0.51 6.07 15.38
N SER A 70 1.78 5.96 15.02
CA SER A 70 2.68 5.06 15.74
C SER A 70 2.89 5.50 17.16
N PRO A 71 2.47 4.69 18.13
CA PRO A 71 2.70 5.14 19.50
C PRO A 71 4.15 5.23 19.85
N ALA A 72 4.97 4.31 19.36
CA ALA A 72 6.40 4.38 19.64
C ALA A 72 7.00 5.71 19.15
N PHE A 73 6.67 6.09 17.92
CA PHE A 73 7.15 7.34 17.35
C PHE A 73 6.63 8.53 18.15
N LEU A 74 5.36 8.53 18.47
CA LEU A 74 4.76 9.68 19.10
C LEU A 74 5.40 9.86 20.47
N GLU A 75 5.59 8.76 21.19
CA GLU A 75 6.17 8.85 22.54
C GLU A 75 7.61 9.32 22.47
N LEU A 76 8.38 8.81 21.52
CA LEU A 76 9.78 9.17 21.40
C LEU A 76 9.91 10.63 21.00
N ALA A 77 9.18 11.06 19.99
CA ALA A 77 9.28 12.42 19.47
C ALA A 77 8.86 13.42 20.57
N SER A 78 7.79 13.12 21.30
CA SER A 78 7.33 13.99 22.37
CA SER A 78 7.32 13.99 22.37
CA SER A 78 7.33 13.99 22.37
C SER A 78 8.40 14.13 23.44
N ARG A 79 9.00 13.01 23.82
CA ARG A 79 10.07 13.02 24.81
C ARG A 79 11.24 13.84 24.33
N LEU A 80 11.65 13.72 23.08
CA LEU A 80 12.76 14.51 22.56
C LEU A 80 12.40 15.98 22.53
N ALA A 81 11.15 16.26 22.21
CA ALA A 81 10.70 17.63 22.17
C ALA A 81 10.87 18.31 23.51
N ASP A 82 10.73 17.56 24.59
CA ASP A 82 10.75 18.12 25.93
C ASP A 82 12.12 18.06 26.60
N THR A 83 13.08 17.32 26.04
CA THR A 83 14.29 17.01 26.73
C THR A 83 15.59 17.16 25.92
N SER A 84 15.46 17.17 24.59
CA SER A 84 16.64 17.17 23.74
C SER A 84 17.05 18.57 23.32
N HIS A 85 18.24 18.99 23.73
CA HIS A 85 18.75 20.30 23.32
C HIS A 85 19.01 20.36 21.81
N VAL A 86 19.39 19.23 21.23
CA VAL A 86 19.64 19.15 19.79
C VAL A 86 18.32 19.37 19.03
N ALA A 87 17.28 18.68 19.46
CA ALA A 87 15.99 18.80 18.76
C ALA A 87 15.49 20.24 18.85
N ARG A 88 15.68 20.87 19.99
CA ARG A 88 15.14 22.21 20.24
C ARG A 88 16.00 23.34 19.67
N ALA A 89 17.25 23.07 19.36
CA ALA A 89 18.19 24.12 18.96
C ALA A 89 17.73 24.98 17.77
N PRO A 90 17.24 24.36 16.70
CA PRO A 90 16.90 25.14 15.50
C PRO A 90 15.47 25.65 15.49
N VAL A 91 14.76 25.46 16.58
CA VAL A 91 13.38 25.90 16.73
C VAL A 91 13.36 27.18 17.58
N LYS A 92 12.33 28.02 17.40
CA LYS A 92 12.16 29.23 18.21
C LYS A 92 12.17 28.83 19.67
N ASN A 93 12.68 29.70 20.53
CA ASN A 93 12.75 29.39 21.94
C ASN A 93 11.37 29.32 22.60
N LEU A 94 11.24 28.33 23.48
CA LEU A 94 10.11 28.26 24.41
C LEU A 94 8.74 28.22 23.70
N PRO A 95 8.65 27.32 22.71
CA PRO A 95 7.34 27.25 22.06
C PRO A 95 6.27 26.58 22.94
N LYS A 96 5.01 26.89 22.71
CA LYS A 96 3.94 26.26 23.47
C LYS A 96 3.72 24.81 23.08
N GLU A 97 4.05 24.47 21.84
CA GLU A 97 3.75 23.12 21.33
C GLU A 97 5.03 22.56 20.72
N PRO A 98 5.98 22.15 21.58
CA PRO A 98 7.31 21.83 21.06
C PRO A 98 7.34 20.65 20.12
N LEU A 99 6.49 19.65 20.34
CA LEU A 99 6.46 18.52 19.43
C LEU A 99 6.06 19.01 18.04
N LEU A 100 5.02 19.80 17.93
CA LEU A 100 4.60 20.29 16.61
C LEU A 100 5.70 21.12 15.96
N GLU A 101 6.38 21.96 16.73
CA GLU A 101 7.40 22.84 16.14
C GLU A 101 8.63 22.05 15.69
N ILE A 102 8.99 21.05 16.45
CA ILE A 102 10.14 20.24 16.14
C ILE A 102 9.90 19.44 14.87
N LEU A 103 8.71 18.88 14.72
CA LEU A 103 8.40 18.13 13.51
C LEU A 103 8.40 19.06 12.28
N HIS A 104 7.73 20.22 12.40
CA HIS A 104 7.64 21.22 11.37
C HIS A 104 9.04 21.67 10.91
N THR A 105 9.96 21.70 11.84
CA THR A 105 11.31 22.16 11.54
C THR A 105 12.21 21.05 10.97
N TRP A 106 12.27 19.92 11.65
CA TRP A 106 13.17 18.83 11.27
C TRP A 106 12.71 17.99 10.08
N LEU A 107 11.39 17.90 9.88
CA LEU A 107 10.80 17.10 8.80
C LEU A 107 9.82 17.99 8.01
N PRO A 108 10.35 18.99 7.31
CA PRO A 108 9.50 19.97 6.61
C PRO A 108 8.92 19.48 5.29
N GLY A 109 9.50 18.44 4.74
CA GLY A 109 9.12 18.01 3.39
C GLY A 109 8.16 16.82 3.36
N LEU A 110 7.18 16.87 2.46
CA LEU A 110 6.35 15.70 2.16
C LEU A 110 6.69 15.24 0.76
N SER A 111 7.11 13.99 0.67
CA SER A 111 7.59 13.42 -0.57
C SER A 111 6.77 12.21 -0.95
N LEU A 112 6.01 12.34 -2.03
CA LEU A 112 5.18 11.24 -2.55
C LEU A 112 5.92 10.41 -3.59
N SER A 113 6.13 9.14 -3.29
CA SER A 113 6.77 8.21 -4.19
C SER A 113 5.81 7.77 -5.27
N SER A 114 6.29 7.84 -6.50
CA SER A 114 5.52 7.47 -7.71
C SER A 114 6.32 6.51 -8.62
N ILE A 115 5.63 5.77 -9.46
CA ILE A 115 6.30 5.05 -10.56
C ILE A 115 6.82 6.09 -11.54
N HIS A 116 7.66 5.63 -12.46
CA HIS A 116 8.38 6.49 -13.39
C HIS A 116 7.45 6.91 -14.54
N PRO A 117 7.63 8.13 -15.07
CA PRO A 117 6.74 8.65 -16.12
C PRO A 117 6.58 7.74 -17.35
N ARG A 118 7.56 6.90 -17.65
CA ARG A 118 7.47 6.04 -18.82
C ARG A 118 6.29 5.09 -18.64
N GLU A 119 5.91 4.84 -17.39
CA GLU A 119 4.79 3.96 -17.10
C GLU A 119 3.46 4.72 -17.22
N LEU A 120 3.53 6.05 -17.33
CA LEU A 120 2.32 6.88 -17.35
C LEU A 120 1.89 7.32 -18.75
N SER A 121 2.73 7.09 -19.75
CA SER A 121 2.35 7.36 -21.13
C SER A 121 1.19 6.44 -21.51
N GLN A 122 1.39 5.16 -21.28
CA GLN A 122 0.34 4.16 -21.46
C GLN A 122 -0.60 4.18 -20.25
N THR A 123 -1.30 3.08 -20.03
CA THR A 123 -2.08 2.91 -18.83
C THR A 123 -1.20 2.11 -17.86
N PRO A 124 -0.95 2.66 -16.66
CA PRO A 124 -0.11 1.90 -15.73
C PRO A 124 -0.77 0.59 -15.30
N SER A 125 0.04 -0.40 -14.93
CA SER A 125 -0.47 -1.74 -14.64
C SER A 125 -0.95 -1.79 -13.19
N GLY A 126 -0.10 -1.32 -12.28
CA GLY A 126 -0.41 -1.36 -10.87
C GLY A 126 -0.42 0.02 -10.25
N PRO A 127 -0.47 0.08 -8.93
CA PRO A 127 -0.56 1.33 -8.18
C PRO A 127 0.51 2.32 -8.62
N VAL A 128 0.06 3.55 -8.90
CA VAL A 128 0.96 4.62 -9.31
C VAL A 128 1.81 5.14 -8.14
N PHE A 129 1.27 5.11 -6.93
CA PHE A 129 1.96 5.64 -5.76
C PHE A 129 2.29 4.57 -4.74
N GLN A 130 3.36 4.79 -3.97
CA GLN A 130 3.82 3.80 -2.99
C GLN A 130 3.70 4.23 -1.54
N HIS A 131 4.10 5.46 -1.22
CA HIS A 131 4.11 5.92 0.16
C HIS A 131 4.34 7.42 0.12
N VAL A 132 4.19 8.07 1.28
CA VAL A 132 4.62 9.46 1.48
C VAL A 132 5.68 9.41 2.53
N SER A 133 6.76 10.14 2.32
CA SER A 133 7.80 10.29 3.35
C SER A 133 7.90 11.69 3.89
N LEU A 134 8.11 11.75 5.21
CA LEU A 134 8.53 12.96 5.91
C LEU A 134 10.04 13.08 5.73
N CYS A 135 10.47 14.22 5.18
CA CYS A 135 11.85 14.37 4.76
C CYS A 135 12.52 15.59 5.29
N ALA A 136 13.78 15.43 5.64
CA ALA A 136 14.64 16.50 6.07
C ALA A 136 15.27 17.24 4.90
N LEU A 137 15.43 16.53 3.78
CA LEU A 137 16.03 17.11 2.58
C LEU A 137 15.17 16.80 1.36
N GLY A 138 15.25 17.66 0.35
CA GLY A 138 14.64 17.34 -0.94
C GLY A 138 13.42 18.13 -1.34
N ARG A 139 12.99 19.10 -0.53
CA ARG A 139 11.77 19.84 -0.83
C ARG A 139 12.01 20.82 -1.98
N ARG A 140 11.14 20.79 -2.98
CA ARG A 140 11.30 21.67 -4.13
C ARG A 140 9.98 22.40 -4.40
N ARG A 141 9.00 21.66 -4.92
CA ARG A 141 7.69 22.24 -5.19
C ARG A 141 6.80 22.18 -3.95
N GLY A 142 7.08 21.24 -3.07
CA GLY A 142 6.25 21.04 -1.89
C GLY A 142 6.39 22.24 -0.96
N THR A 143 5.42 22.40 -0.07
CA THR A 143 5.52 23.46 0.94
CA THR A 143 5.45 23.44 0.96
C THR A 143 5.98 22.83 2.25
N VAL A 144 6.24 23.67 3.25
CA VAL A 144 6.63 23.16 4.55
C VAL A 144 5.44 22.47 5.20
N ALA A 145 5.68 21.24 5.66
CA ALA A 145 4.64 20.45 6.31
C ALA A 145 4.20 21.06 7.65
N VAL A 146 2.89 21.02 7.86
CA VAL A 146 2.24 21.48 9.08
C VAL A 146 1.76 20.27 9.87
N TYR A 147 2.13 20.25 11.14
CA TYR A 147 1.72 19.21 12.07
C TYR A 147 0.79 19.81 13.12
N GLY A 148 -0.27 19.08 13.45
CA GLY A 148 -1.27 19.55 14.39
C GLY A 148 -2.11 18.44 15.00
N HIS A 149 -2.97 18.79 15.94
CA HIS A 149 -3.76 17.79 16.67
C HIS A 149 -5.13 17.57 16.06
N ASP A 150 -5.50 18.44 15.12
N ASP A 150 -5.52 18.48 15.18
CA ASP A 150 -6.82 18.42 14.48
CA ASP A 150 -6.76 18.35 14.45
C ASP A 150 -6.70 18.72 12.99
C ASP A 150 -6.47 18.52 12.97
N ALA A 151 -7.22 17.82 12.14
CA ALA A 151 -7.05 17.92 10.70
C ALA A 151 -7.55 19.25 10.12
N GLU A 152 -8.66 19.77 10.65
CA GLU A 152 -9.20 21.05 10.19
C GLU A 152 -8.20 22.16 10.44
N TRP A 153 -7.60 22.19 11.63
CA TRP A 153 -6.62 23.21 11.96
C TRP A 153 -5.45 23.13 11.01
N VAL A 154 -4.98 21.92 10.72
CA VAL A 154 -3.83 21.75 9.85
C VAL A 154 -4.11 22.26 8.44
N VAL A 155 -5.22 21.86 7.83
CA VAL A 155 -5.48 22.29 6.46
C VAL A 155 -5.75 23.79 6.41
N SER A 156 -6.37 24.31 7.46
CA SER A 156 -6.72 25.73 7.50
C SER A 156 -5.49 26.64 7.60
N ARG A 157 -4.31 26.07 7.76
CA ARG A 157 -3.07 26.86 7.81
C ARG A 157 -2.55 27.22 6.42
N PHE A 158 -3.12 26.63 5.38
CA PHE A 158 -2.68 26.89 4.02
C PHE A 158 -3.65 27.83 3.33
N SER A 159 -3.29 29.10 3.24
CA SER A 159 -4.17 30.07 2.59
C SER A 159 -4.28 29.76 1.08
N SER A 160 -3.38 28.93 0.57
CA SER A 160 -3.39 28.54 -0.84
C SER A 160 -4.41 27.44 -1.14
N VAL A 161 -5.15 27.01 -0.12
CA VAL A 161 -6.19 26.00 -0.27
C VAL A 161 -7.53 26.64 0.07
N SER A 162 -8.39 26.74 -0.94
CA SER A 162 -9.68 27.39 -0.79
C SER A 162 -10.52 26.70 0.27
N LYS A 163 -11.48 27.43 0.81
CA LYS A 163 -12.44 26.88 1.75
C LYS A 163 -13.13 25.68 1.11
N SER A 164 -13.38 25.79 -0.19
CA SER A 164 -14.02 24.73 -0.96
C SER A 164 -13.13 23.50 -0.99
N GLU A 165 -11.89 23.69 -1.41
CA GLU A 165 -10.93 22.60 -1.46
C GLU A 165 -10.71 22.02 -0.07
N ARG A 166 -10.65 22.89 0.94
CA ARG A 166 -10.52 22.43 2.31
C ARG A 166 -11.68 21.50 2.65
N ALA A 167 -12.89 21.86 2.24
CA ALA A 167 -14.04 21.04 2.54
C ALA A 167 -13.93 19.68 1.84
N HIS A 168 -13.45 19.68 0.60
CA HIS A 168 -13.28 18.43 -0.12
CA HIS A 168 -13.26 18.45 -0.14
C HIS A 168 -12.21 17.58 0.55
N ILE A 169 -11.11 18.21 0.95
CA ILE A 169 -10.05 17.47 1.60
C ILE A 169 -10.55 16.87 2.91
N LEU A 170 -11.26 17.67 3.69
CA LEU A 170 -11.63 17.26 5.03
C LEU A 170 -12.81 16.29 5.00
N GLN A 171 -13.57 16.33 3.92
CA GLN A 171 -14.63 15.34 3.70
C GLN A 171 -14.05 13.95 3.84
N HIS A 172 -12.99 13.65 3.11
CA HIS A 172 -12.45 12.30 3.11
CA HIS A 172 -12.45 12.30 3.09
C HIS A 172 -11.60 12.01 4.33
N VAL A 173 -10.98 13.04 4.89
CA VAL A 173 -10.21 12.85 6.12
C VAL A 173 -11.13 12.30 7.20
N SER A 174 -12.40 12.66 7.14
CA SER A 174 -13.36 12.22 8.14
C SER A 174 -14.00 10.88 7.77
N SER A 175 -14.12 10.60 6.48
CA SER A 175 -14.74 9.35 6.02
C SER A 175 -13.86 8.17 6.36
N CYS A 176 -12.63 8.18 5.86
CA CYS A 176 -11.70 7.10 6.14
C CYS A 176 -11.18 7.17 7.57
N ARG A 177 -11.59 6.21 8.38
CA ARG A 177 -11.20 6.14 9.79
C ARG A 177 -9.82 5.54 9.98
N LEU A 178 -9.29 5.74 11.19
CA LEU A 178 -7.89 5.47 11.51
C LEU A 178 -7.77 4.31 12.46
N GLU A 179 -8.68 4.26 13.42
CA GLU A 179 -8.62 3.30 14.52
CA GLU A 179 -8.54 3.32 14.52
C GLU A 179 -8.38 1.88 14.04
N ASP A 180 -9.00 1.53 12.92
CA ASP A 180 -8.92 0.19 12.37
C ASP A 180 -7.63 -0.12 11.60
N LEU A 181 -6.84 0.90 11.28
CA LEU A 181 -5.62 0.65 10.52
C LEU A 181 -4.55 -0.04 11.37
N SER A 182 -3.70 -0.81 10.71
CA SER A 182 -2.71 -1.60 11.40
C SER A 182 -1.66 -0.68 12.01
N THR A 183 -0.96 -1.15 13.02
CA THR A 183 0.07 -0.35 13.67
C THR A 183 1.27 -0.21 12.75
N PRO A 184 1.77 1.02 12.52
CA PRO A 184 2.92 1.22 11.66
C PRO A 184 4.16 0.54 12.24
N ASN A 185 5.16 0.21 11.42
CA ASN A 185 6.28 -0.61 11.89
C ASN A 185 7.41 0.08 12.69
N PHE A 186 7.36 1.40 12.86
CA PHE A 186 8.47 2.10 13.53
C PHE A 186 8.78 1.49 14.91
N VAL A 187 10.07 1.29 15.17
CA VAL A 187 10.54 0.84 16.48
C VAL A 187 11.47 1.87 17.09
N SER A 188 11.19 2.29 18.32
CA SER A 188 12.04 3.27 18.95
C SER A 188 13.41 2.66 19.23
N PRO A 189 14.50 3.38 18.86
CA PRO A 189 15.85 2.88 19.11
C PRO A 189 16.27 3.07 20.57
N LEU A 190 15.43 3.74 21.36
CA LEU A 190 15.69 3.96 22.79
C LEU A 190 15.09 2.86 23.67
N GLY B 1 6.54 -15.47 7.38
CA GLY B 1 5.81 -15.13 6.17
C GLY B 1 5.74 -16.32 5.22
N LEU B 2 4.78 -16.30 4.33
CA LEU B 2 4.55 -17.39 3.41
C LEU B 2 4.57 -16.83 2.01
N TYR B 3 4.79 -17.70 1.03
CA TYR B 3 4.59 -17.35 -0.38
C TYR B 3 3.36 -18.01 -0.92
N VAL B 4 2.74 -17.33 -1.88
CA VAL B 4 1.63 -17.89 -2.63
C VAL B 4 1.98 -17.71 -4.10
N GLY B 5 1.50 -18.67 -4.89
CA GLY B 5 1.69 -18.62 -6.32
C GLY B 5 0.65 -19.42 -7.07
N GLY B 6 0.51 -19.06 -8.33
CA GLY B 6 -0.42 -19.74 -9.22
C GLY B 6 -0.85 -18.88 -10.38
N PHE B 7 -1.51 -19.54 -11.34
CA PHE B 7 -2.19 -18.80 -12.38
C PHE B 7 -3.37 -18.07 -11.78
N VAL B 8 -3.70 -16.92 -12.35
CA VAL B 8 -4.82 -16.11 -11.87
C VAL B 8 -5.97 -16.10 -12.86
N ASP B 9 -7.18 -15.93 -12.33
CA ASP B 9 -8.25 -15.48 -13.19
C ASP B 9 -8.30 -13.99 -13.12
N VAL B 10 -8.99 -13.36 -14.05
CA VAL B 10 -9.03 -11.94 -14.19
C VAL B 10 -10.48 -11.53 -14.13
N VAL B 11 -10.83 -10.70 -13.14
CA VAL B 11 -12.23 -10.35 -12.91
C VAL B 11 -12.44 -8.87 -12.81
N SER B 12 -13.56 -8.38 -13.34
CA SER B 12 -13.97 -7.01 -13.20
C SER B 12 -15.34 -7.00 -12.57
N CYS B 13 -15.63 -5.98 -11.79
CA CYS B 13 -16.93 -5.78 -11.18
C CYS B 13 -17.78 -4.85 -12.06
N PRO B 14 -18.73 -5.43 -12.82
CA PRO B 14 -19.62 -4.52 -13.57
C PRO B 14 -20.58 -3.79 -12.64
N LYS B 15 -21.22 -2.76 -13.17
CA LYS B 15 -22.22 -1.99 -12.43
C LYS B 15 -23.34 -2.89 -11.92
N LEU B 16 -24.14 -3.39 -12.86
CA LEU B 16 -25.37 -4.11 -12.51
C LEU B 16 -25.16 -5.60 -12.29
N GLU B 17 -24.22 -6.19 -13.01
CA GLU B 17 -23.96 -7.61 -12.92
C GLU B 17 -23.07 -7.91 -11.72
N GLN B 18 -22.90 -9.20 -11.42
CA GLN B 18 -22.16 -9.60 -10.24
C GLN B 18 -20.66 -9.62 -10.51
N GLU B 19 -20.27 -10.33 -11.55
CA GLU B 19 -18.88 -10.59 -11.86
C GLU B 19 -18.73 -10.79 -13.34
N LEU B 20 -17.68 -10.22 -13.91
CA LEU B 20 -17.28 -10.49 -15.27
C LEU B 20 -15.89 -11.12 -15.28
N TYR B 21 -15.76 -12.30 -15.85
CA TYR B 21 -14.49 -12.97 -15.96
C TYR B 21 -13.92 -12.66 -17.32
N LEU B 22 -12.75 -12.01 -17.32
CA LEU B 22 -12.11 -11.64 -18.58
C LEU B 22 -11.28 -12.81 -19.09
N ASP B 23 -11.07 -12.87 -20.41
CA ASP B 23 -10.04 -13.74 -20.96
CA ASP B 23 -10.04 -13.76 -20.91
C ASP B 23 -8.70 -13.09 -20.63
N PRO B 24 -7.74 -13.84 -20.04
CA PRO B 24 -6.45 -13.21 -19.72
C PRO B 24 -5.75 -12.55 -20.91
N ASP B 25 -5.99 -13.02 -22.12
CA ASP B 25 -5.40 -12.40 -23.30
CA ASP B 25 -5.41 -12.40 -23.31
C ASP B 25 -5.83 -10.93 -23.44
N GLN B 26 -6.95 -10.57 -22.82
CA GLN B 26 -7.48 -9.21 -22.96
C GLN B 26 -6.59 -8.19 -22.24
N VAL B 27 -5.75 -8.66 -21.30
CA VAL B 27 -4.93 -7.73 -20.51
C VAL B 27 -3.41 -7.95 -20.64
N THR B 28 -2.99 -8.75 -21.64
CA THR B 28 -1.58 -9.07 -21.85
C THR B 28 -0.71 -7.85 -22.11
N ASP B 29 -1.30 -6.81 -22.70
CA ASP B 29 -0.55 -5.59 -23.03
C ASP B 29 -0.05 -4.90 -21.75
N TYR B 30 -0.69 -5.22 -20.64
CA TYR B 30 -0.37 -4.56 -19.37
C TYR B 30 0.47 -5.42 -18.46
N LEU B 31 1.04 -6.49 -19.01
CA LEU B 31 1.95 -7.38 -18.29
C LEU B 31 3.36 -7.11 -18.82
N PRO B 32 4.40 -7.36 -18.01
CA PRO B 32 4.34 -7.83 -16.62
C PRO B 32 3.91 -6.73 -15.66
N VAL B 33 3.38 -7.13 -14.51
CA VAL B 33 3.07 -6.20 -13.44
C VAL B 33 4.18 -6.37 -12.44
N THR B 34 4.99 -5.32 -12.28
CA THR B 34 6.10 -5.34 -11.34
C THR B 34 5.82 -4.44 -10.12
N GLU B 35 4.80 -3.59 -10.22
CA GLU B 35 4.34 -2.82 -9.04
C GLU B 35 3.71 -3.79 -8.09
N PRO B 36 4.05 -3.75 -6.80
CA PRO B 36 3.30 -4.62 -5.87
C PRO B 36 1.81 -4.27 -5.77
N LEU B 37 0.98 -5.30 -5.92
CA LEU B 37 -0.46 -5.19 -5.71
C LEU B 37 -0.80 -5.73 -4.33
N PRO B 38 -1.75 -5.10 -3.63
CA PRO B 38 -2.19 -5.70 -2.36
C PRO B 38 -2.84 -7.04 -2.60
N ILE B 39 -2.64 -7.96 -1.67
CA ILE B 39 -3.33 -9.25 -1.66
C ILE B 39 -4.37 -9.26 -0.54
N THR B 40 -5.64 -9.42 -0.88
CA THR B 40 -6.74 -9.42 0.07
C THR B 40 -7.46 -10.75 0.08
N ILE B 41 -8.34 -10.95 1.03
CA ILE B 41 -9.18 -12.12 1.11
C ILE B 41 -10.49 -11.79 0.45
N HIS B 43 -11.83 -10.27 -2.02
CA HIS B 43 -12.09 -8.91 -2.49
C HIS B 43 -12.58 -7.95 -1.38
N LEU B 44 -12.31 -8.30 -0.12
CA LEU B 44 -12.57 -7.40 1.02
C LEU B 44 -11.35 -6.51 1.24
N PRO B 45 -11.47 -5.23 0.93
CA PRO B 45 -10.24 -4.43 0.91
C PRO B 45 -9.63 -4.21 2.30
N GLU B 46 -10.37 -4.45 3.37
CA GLU B 46 -9.85 -4.30 4.73
C GLU B 46 -9.01 -5.51 5.17
N THR B 47 -8.91 -6.51 4.32
CA THR B 47 -8.22 -7.75 4.66
C THR B 47 -6.91 -7.93 3.91
N GLU B 48 -6.11 -6.88 3.79
CA GLU B 48 -4.79 -7.03 3.17
C GLU B 48 -3.93 -7.98 3.97
N VAL B 49 -3.39 -9.00 3.30
CA VAL B 49 -2.52 -9.98 3.97
C VAL B 49 -1.08 -9.89 3.50
N GLY B 50 -0.85 -9.13 2.44
CA GLY B 50 0.47 -9.12 1.83
C GLY B 50 0.46 -8.40 0.51
N TRP B 51 1.44 -8.73 -0.33
CA TRP B 51 1.77 -8.00 -1.54
C TRP B 51 2.24 -8.94 -2.65
N THR B 52 1.86 -8.65 -3.88
CA THR B 52 2.36 -9.45 -4.99
C THR B 52 3.81 -9.12 -5.27
N LEU B 53 4.53 -10.09 -5.85
CA LEU B 53 5.95 -10.01 -6.15
C LEU B 53 6.13 -10.33 -7.64
N GLY B 54 5.22 -9.88 -8.45
CA GLY B 54 5.29 -10.01 -9.89
C GLY B 54 4.15 -10.84 -10.46
N LEU B 55 3.55 -10.33 -11.53
CA LEU B 55 2.66 -11.12 -12.36
C LEU B 55 3.20 -11.09 -13.76
N PHE B 56 3.27 -12.27 -14.36
CA PHE B 56 3.94 -12.48 -15.63
C PHE B 56 3.10 -13.30 -16.60
N GLN B 57 3.15 -12.95 -17.88
CA GLN B 57 2.60 -13.76 -18.93
C GLN B 57 3.39 -15.06 -19.02
N VAL B 58 2.70 -16.17 -18.77
CA VAL B 58 3.34 -17.47 -18.66
C VAL B 58 2.46 -18.49 -19.35
N SER B 59 3.01 -19.13 -20.37
CA SER B 59 2.28 -20.21 -20.98
C SER B 59 0.90 -19.75 -21.45
N HIS B 60 -0.15 -20.39 -20.92
CA HIS B 60 -1.52 -20.17 -21.37
C HIS B 60 -2.20 -18.99 -20.64
N GLY B 61 -1.50 -18.29 -19.76
CA GLY B 61 -2.16 -17.33 -18.91
C GLY B 61 -1.23 -16.38 -18.17
N ILE B 62 -1.54 -16.11 -16.91
CA ILE B 62 -0.87 -15.11 -16.12
C ILE B 62 -0.54 -15.73 -14.79
N PHE B 63 0.74 -15.75 -14.44
CA PHE B 63 1.20 -16.39 -13.21
C PHE B 63 1.56 -15.34 -12.19
N CYS B 64 1.09 -15.50 -10.96
CA CYS B 64 1.33 -14.53 -9.88
C CYS B 64 2.16 -15.20 -8.79
N THR B 65 3.14 -14.47 -8.21
CA THR B 65 3.79 -14.87 -6.96
C THR B 65 3.51 -13.75 -5.97
N GLY B 66 3.30 -14.10 -4.72
CA GLY B 66 3.02 -13.10 -3.70
C GLY B 66 3.63 -13.50 -2.38
N ALA B 67 3.77 -12.50 -1.48
CA ALA B 67 4.24 -12.70 -0.12
C ALA B 67 3.07 -12.43 0.84
N ILE B 68 2.75 -13.37 1.71
CA ILE B 68 1.76 -13.19 2.78
C ILE B 68 2.53 -12.83 4.03
N THR B 69 2.39 -11.58 4.49
CA THR B 69 3.27 -11.03 5.50
C THR B 69 2.54 -10.55 6.73
N SER B 70 1.22 -10.44 6.70
CA SER B 70 0.47 -9.91 7.84
C SER B 70 0.54 -10.81 9.07
N PRO B 71 1.09 -10.31 10.19
CA PRO B 71 1.18 -11.16 11.38
C PRO B 71 -0.19 -11.52 11.91
N ALA B 72 -1.13 -10.58 11.86
CA ALA B 72 -2.47 -10.83 12.39
C ALA B 72 -3.16 -11.94 11.60
N PHE B 73 -3.04 -11.90 10.27
CA PHE B 73 -3.61 -12.94 9.44
C PHE B 73 -2.95 -14.30 9.68
N LEU B 74 -1.62 -14.32 9.71
CA LEU B 74 -0.88 -15.55 9.92
C LEU B 74 -1.20 -16.20 11.25
N GLU B 75 -1.36 -15.39 12.29
CA GLU B 75 -1.64 -15.90 13.63
C GLU B 75 -3.02 -16.54 13.67
N LEU B 76 -4.02 -15.88 13.08
CA LEU B 76 -5.39 -16.36 13.11
C LEU B 76 -5.53 -17.58 12.20
N ALA B 77 -4.98 -17.49 11.01
CA ALA B 77 -4.98 -18.65 10.09
C ALA B 77 -4.31 -19.86 10.74
N SER B 78 -3.20 -19.65 11.43
CA SER B 78 -2.50 -20.76 12.09
C SER B 78 -3.35 -21.37 13.23
N ARG B 79 -3.98 -20.52 14.05
CA ARG B 79 -4.85 -21.01 15.12
C ARG B 79 -6.00 -21.86 14.56
N LEU B 80 -6.57 -21.39 13.47
CA LEU B 80 -7.65 -22.13 12.82
C LEU B 80 -7.16 -23.48 12.31
N ALA B 81 -6.01 -23.45 11.65
CA ALA B 81 -5.44 -24.67 11.03
C ALA B 81 -5.12 -25.71 12.10
N ASP B 82 -4.71 -25.23 13.28
CA ASP B 82 -4.31 -26.11 14.36
C ASP B 82 -5.49 -26.60 15.19
N THR B 83 -6.52 -25.76 15.39
CA THR B 83 -7.50 -26.04 16.45
C THR B 83 -8.99 -26.03 16.04
N SER B 84 -9.29 -25.58 14.83
CA SER B 84 -10.67 -25.60 14.33
C SER B 84 -11.01 -26.88 13.62
N HIS B 85 -11.93 -27.65 14.19
CA HIS B 85 -12.41 -28.85 13.53
C HIS B 85 -13.04 -28.52 12.21
N VAL B 86 -13.66 -27.36 12.12
CA VAL B 86 -14.27 -26.92 10.86
C VAL B 86 -13.22 -26.71 9.77
N ALA B 87 -12.17 -25.98 10.07
CA ALA B 87 -11.10 -25.70 9.11
C ALA B 87 -10.44 -26.98 8.68
N ARG B 88 -10.28 -27.93 9.61
CA ARG B 88 -9.58 -29.16 9.32
C ARG B 88 -10.42 -30.22 8.64
N ALA B 89 -11.75 -30.05 8.63
CA ALA B 89 -12.63 -31.14 8.19
C ALA B 89 -12.38 -31.60 6.76
N PRO B 90 -12.18 -30.67 5.82
CA PRO B 90 -12.10 -31.15 4.44
C PRO B 90 -10.71 -31.71 4.07
N VAL B 91 -9.78 -31.72 5.01
CA VAL B 91 -8.47 -32.37 4.81
C VAL B 91 -8.40 -33.67 5.63
N PRO B 95 -1.79 -34.73 7.39
CA PRO B 95 -1.81 -33.38 7.95
C PRO B 95 -0.41 -32.94 8.39
N LYS B 96 0.58 -33.22 7.55
CA LYS B 96 1.98 -32.95 7.87
C LYS B 96 2.26 -31.45 7.90
N GLU B 97 1.63 -30.75 6.97
CA GLU B 97 1.84 -29.34 6.77
C GLU B 97 0.47 -28.67 6.84
N PRO B 98 -0.12 -28.62 8.05
CA PRO B 98 -1.53 -28.24 8.24
C PRO B 98 -1.85 -26.91 7.64
N LEU B 99 -1.11 -25.87 8.02
CA LEU B 99 -1.44 -24.55 7.53
C LEU B 99 -1.42 -24.46 5.99
N LEU B 100 -0.36 -24.96 5.36
CA LEU B 100 -0.28 -24.90 3.89
C LEU B 100 -1.45 -25.61 3.20
N GLU B 101 -1.80 -26.78 3.71
CA GLU B 101 -2.87 -27.55 3.08
C GLU B 101 -4.23 -26.92 3.34
N ILE B 102 -4.39 -26.32 4.52
CA ILE B 102 -5.66 -25.68 4.87
C ILE B 102 -5.86 -24.38 4.08
N LEU B 103 -4.79 -23.61 3.88
CA LEU B 103 -4.90 -22.45 3.01
C LEU B 103 -5.32 -22.89 1.60
N HIS B 104 -4.65 -23.92 1.09
CA HIS B 104 -4.89 -24.41 -0.27
C HIS B 104 -6.34 -24.88 -0.42
N THR B 105 -6.87 -25.49 0.64
CA THR B 105 -8.22 -26.02 0.67
C THR B 105 -9.29 -24.95 0.65
N TRP B 106 -9.15 -23.94 1.53
CA TRP B 106 -10.20 -22.93 1.72
C TRP B 106 -10.06 -21.67 0.88
N LEU B 107 -8.83 -21.40 0.42
CA LEU B 107 -8.52 -20.27 -0.45
C LEU B 107 -7.83 -20.78 -1.71
N PRO B 108 -8.56 -21.61 -2.49
CA PRO B 108 -7.96 -22.32 -3.60
C PRO B 108 -7.69 -21.51 -4.85
N GLY B 109 -8.20 -20.29 -4.94
CA GLY B 109 -8.10 -19.53 -6.17
C GLY B 109 -7.43 -18.19 -5.97
N LEU B 110 -6.83 -17.69 -7.04
CA LEU B 110 -6.29 -16.33 -7.08
C LEU B 110 -6.99 -15.53 -8.14
N SER B 111 -7.54 -14.38 -7.81
CA SER B 111 -8.24 -13.52 -8.73
C SER B 111 -7.57 -12.18 -8.80
N LEU B 112 -7.20 -11.78 -10.00
CA LEU B 112 -6.66 -10.47 -10.32
C LEU B 112 -7.81 -9.53 -10.70
N SER B 113 -8.02 -8.52 -9.88
CA SER B 113 -9.03 -7.52 -10.14
C SER B 113 -8.59 -6.47 -11.15
N SER B 114 -9.37 -6.30 -12.20
CA SER B 114 -9.06 -5.42 -13.30
C SER B 114 -10.21 -4.46 -13.54
N ILE B 115 -9.93 -3.31 -14.15
CA ILE B 115 -11.01 -2.39 -14.54
C ILE B 115 -11.76 -3.05 -15.70
N HIS B 116 -12.96 -2.55 -16.00
CA HIS B 116 -13.81 -3.16 -17.02
C HIS B 116 -13.11 -3.06 -18.38
N PRO B 117 -13.21 -4.12 -19.23
CA PRO B 117 -12.56 -4.08 -20.54
C PRO B 117 -12.91 -2.86 -21.39
N ARG B 118 -14.11 -2.32 -21.26
CA ARG B 118 -14.50 -1.15 -22.04
C ARG B 118 -13.60 0.04 -21.72
N GLU B 119 -13.16 0.13 -20.46
CA GLU B 119 -12.30 1.25 -20.04
C GLU B 119 -10.91 1.16 -20.63
N PRO B 124 -6.11 6.99 -19.69
CA PRO B 124 -6.28 6.29 -18.40
C PRO B 124 -6.53 7.26 -17.24
N SER B 125 -7.46 6.92 -16.37
CA SER B 125 -7.70 7.69 -15.15
C SER B 125 -7.23 6.90 -13.94
N GLY B 126 -6.54 5.80 -14.18
CA GLY B 126 -6.07 4.93 -13.11
C GLY B 126 -5.40 3.68 -13.65
N PRO B 127 -4.84 2.86 -12.76
CA PRO B 127 -4.17 1.63 -13.16
C PRO B 127 -5.17 0.57 -13.61
N VAL B 128 -4.71 -0.38 -14.41
CA VAL B 128 -5.59 -1.45 -14.87
C VAL B 128 -5.96 -2.39 -13.73
N PHE B 129 -4.99 -2.71 -12.88
CA PHE B 129 -5.18 -3.72 -11.85
C PHE B 129 -5.24 -3.11 -10.49
N GLN B 130 -6.12 -3.65 -9.63
CA GLN B 130 -6.34 -3.05 -8.31
C GLN B 130 -5.76 -3.87 -7.17
N HIS B 131 -5.91 -5.17 -7.26
CA HIS B 131 -5.45 -6.08 -6.23
C HIS B 131 -5.49 -7.51 -6.71
N VAL B 132 -4.91 -8.44 -5.94
CA VAL B 132 -5.08 -9.86 -6.13
C VAL B 132 -5.78 -10.40 -4.89
N SER B 133 -6.80 -11.22 -5.05
CA SER B 133 -7.44 -11.84 -3.92
C SER B 133 -7.18 -13.31 -3.80
N LEU B 134 -6.98 -13.77 -2.59
CA LEU B 134 -7.11 -15.17 -2.22
C LEU B 134 -8.59 -15.44 -2.12
N CYS B 135 -9.10 -16.36 -2.94
CA CYS B 135 -10.52 -16.53 -3.11
C CYS B 135 -11.01 -17.84 -2.57
N ALA B 136 -12.14 -17.78 -1.89
CA ALA B 136 -12.84 -18.92 -1.35
C ALA B 136 -14.13 -19.20 -2.13
N LEU B 137 -14.63 -18.19 -2.86
CA LEU B 137 -15.98 -18.26 -3.44
C LEU B 137 -15.92 -18.40 -4.94
N GLY B 138 -14.71 -18.57 -5.48
CA GLY B 138 -14.49 -18.52 -6.93
C GLY B 138 -14.79 -19.79 -7.67
N ARG B 139 -14.47 -19.75 -8.96
CA ARG B 139 -14.68 -20.84 -9.88
C ARG B 139 -13.72 -22.00 -9.65
N ARG B 140 -14.10 -23.13 -10.26
CA ARG B 140 -13.31 -24.37 -10.19
C ARG B 140 -12.42 -24.57 -11.43
N ARG B 141 -12.17 -23.48 -12.12
CA ARG B 141 -11.29 -23.46 -13.27
CA ARG B 141 -11.25 -23.45 -13.25
C ARG B 141 -10.46 -22.18 -13.27
N GLY B 142 -9.40 -22.20 -14.05
CA GLY B 142 -8.61 -21.01 -14.34
C GLY B 142 -7.49 -20.64 -13.38
N THR B 143 -7.53 -21.18 -12.18
CA THR B 143 -6.60 -20.73 -11.15
C THR B 143 -6.55 -21.75 -10.06
N VAL B 144 -5.33 -22.07 -9.60
CA VAL B 144 -5.12 -22.86 -8.41
C VAL B 144 -4.01 -22.19 -7.58
N ALA B 145 -4.33 -21.84 -6.33
CA ALA B 145 -3.38 -21.17 -5.43
C ALA B 145 -2.62 -22.19 -4.62
N VAL B 146 -1.31 -22.05 -4.60
CA VAL B 146 -0.40 -22.91 -3.88
C VAL B 146 0.36 -22.03 -2.89
N TYR B 147 0.45 -22.47 -1.64
CA TYR B 147 1.06 -21.72 -0.55
C TYR B 147 2.26 -22.48 -0.01
N GLY B 148 3.38 -21.83 0.24
CA GLY B 148 4.55 -22.54 0.70
C GLY B 148 5.53 -21.66 1.43
N HIS B 149 6.58 -22.26 1.97
CA HIS B 149 7.52 -21.51 2.79
C HIS B 149 8.60 -20.81 1.99
N ASP B 150 8.72 -21.16 0.71
CA ASP B 150 9.66 -20.46 -0.17
C ASP B 150 9.16 -20.51 -1.61
N ALA B 151 9.62 -19.56 -2.40
CA ALA B 151 9.13 -19.39 -3.75
C ALA B 151 9.47 -20.58 -4.63
N GLU B 152 10.64 -21.16 -4.45
CA GLU B 152 11.08 -22.27 -5.27
C GLU B 152 10.11 -23.45 -5.13
N TRP B 153 9.73 -23.74 -3.89
CA TRP B 153 8.78 -24.80 -3.64
C TRP B 153 7.45 -24.54 -4.33
N VAL B 154 6.97 -23.30 -4.24
CA VAL B 154 5.70 -22.93 -4.83
C VAL B 154 5.74 -23.16 -6.34
N VAL B 155 6.74 -22.62 -6.99
CA VAL B 155 6.80 -22.69 -8.44
C VAL B 155 6.99 -24.16 -8.88
N SER B 156 7.63 -24.98 -8.06
CA SER B 156 7.83 -26.42 -8.36
C SER B 156 6.53 -27.24 -8.31
N ARG B 157 5.43 -26.63 -7.89
CA ARG B 157 4.16 -27.34 -7.77
C ARG B 157 3.40 -27.29 -9.08
N PHE B 158 4.03 -26.79 -10.14
CA PHE B 158 3.34 -26.68 -11.45
C PHE B 158 3.97 -27.50 -12.55
N SER B 159 3.18 -27.76 -13.59
CA SER B 159 3.61 -28.57 -14.72
C SER B 159 3.72 -27.77 -16.02
N SER B 160 2.99 -26.66 -16.12
CA SER B 160 2.86 -26.00 -17.42
C SER B 160 3.73 -24.76 -17.57
N VAL B 161 4.53 -24.48 -16.53
CA VAL B 161 5.48 -23.37 -16.51
C VAL B 161 6.83 -23.86 -17.05
N SER B 162 7.30 -23.25 -18.12
CA SER B 162 8.53 -23.70 -18.77
C SER B 162 9.78 -23.45 -17.93
N LYS B 163 10.88 -24.11 -18.31
CA LYS B 163 12.18 -23.90 -17.69
C LYS B 163 12.51 -22.43 -17.59
N SER B 164 12.43 -21.72 -18.71
CA SER B 164 12.84 -20.31 -18.70
C SER B 164 11.84 -19.44 -17.96
N GLU B 165 10.54 -19.75 -18.06
CA GLU B 165 9.56 -19.00 -17.31
C GLU B 165 9.76 -19.13 -15.80
N ARG B 166 10.02 -20.35 -15.33
CA ARG B 166 10.29 -20.59 -13.92
C ARG B 166 11.51 -19.81 -13.45
N ALA B 167 12.58 -19.86 -14.23
CA ALA B 167 13.80 -19.11 -13.90
C ALA B 167 13.53 -17.62 -13.80
N HIS B 168 12.75 -17.08 -14.73
CA HIS B 168 12.42 -15.65 -14.73
C HIS B 168 11.63 -15.25 -13.51
N ILE B 169 10.62 -16.05 -13.19
CA ILE B 169 9.77 -15.78 -12.02
C ILE B 169 10.64 -15.81 -10.76
N LEU B 170 11.47 -16.84 -10.63
CA LEU B 170 12.28 -17.00 -9.42
C LEU B 170 13.33 -15.93 -9.27
N GLN B 171 13.96 -15.55 -10.38
CA GLN B 171 14.92 -14.45 -10.38
C GLN B 171 14.24 -13.16 -9.91
N HIS B 172 13.05 -12.87 -10.44
CA HIS B 172 12.36 -11.64 -10.05
C HIS B 172 11.98 -11.66 -8.56
N VAL B 173 11.44 -12.78 -8.10
CA VAL B 173 11.04 -12.91 -6.70
C VAL B 173 12.24 -12.80 -5.76
N SER B 174 13.36 -13.43 -6.11
CA SER B 174 14.55 -13.38 -5.27
C SER B 174 15.07 -11.95 -5.18
N SER B 175 14.81 -11.15 -6.21
CA SER B 175 15.27 -9.75 -6.23
C SER B 175 14.42 -8.87 -5.32
N CYS B 176 13.26 -9.37 -4.92
CA CYS B 176 12.39 -8.61 -4.03
C CYS B 176 12.83 -8.76 -2.57
N ARG B 177 12.88 -7.65 -1.84
CA ARG B 177 13.19 -7.67 -0.42
CA ARG B 177 13.19 -7.67 -0.41
C ARG B 177 11.88 -7.72 0.36
N LEU B 178 11.52 -8.89 0.88
CA LEU B 178 10.24 -9.04 1.60
C LEU B 178 10.22 -8.17 2.82
N GLU B 179 11.37 -8.07 3.47
CA GLU B 179 11.52 -7.29 4.69
C GLU B 179 11.07 -5.85 4.43
N ASP B 180 11.32 -5.37 3.22
CA ASP B 180 11.01 -4.00 2.85
C ASP B 180 9.56 -3.73 2.46
N LEU B 181 8.72 -4.76 2.32
CA LEU B 181 7.34 -4.50 1.98
C LEU B 181 6.63 -3.85 3.15
N SER B 182 5.69 -2.99 2.85
CA SER B 182 5.03 -2.21 3.87
C SER B 182 4.03 -3.07 4.61
N THR B 183 3.60 -2.57 5.74
CA THR B 183 2.66 -3.29 6.60
C THR B 183 1.29 -3.39 5.93
N PRO B 184 0.77 -4.62 5.75
CA PRO B 184 -0.59 -4.70 5.23
C PRO B 184 -1.62 -4.32 6.28
N ASN B 185 -2.66 -3.65 5.83
CA ASN B 185 -3.77 -3.24 6.68
C ASN B 185 -4.79 -4.35 6.72
N PHE B 186 -4.69 -5.15 7.77
CA PHE B 186 -5.50 -6.35 7.96
C PHE B 186 -6.42 -6.26 9.17
N VAL B 187 -7.68 -6.59 8.96
CA VAL B 187 -8.56 -6.99 10.06
C VAL B 187 -9.24 -8.27 9.65
N SER B 188 -9.71 -9.05 10.62
CA SER B 188 -10.45 -10.27 10.32
C SER B 188 -11.65 -9.97 9.43
N PRO B 189 -11.99 -10.88 8.49
CA PRO B 189 -13.21 -10.72 7.70
C PRO B 189 -14.47 -10.53 8.57
N LEU B 190 -14.46 -11.10 9.77
CA LEU B 190 -15.60 -11.01 10.64
C LEU B 190 -15.69 -9.61 11.25
N GLU B 191 -14.60 -8.84 11.19
CA GLU B 191 -14.62 -7.47 11.67
C GLU B 191 -15.11 -6.51 10.60
N THR B 192 -15.32 -7.01 9.39
CA THR B 192 -15.87 -6.19 8.31
C THR B 192 -17.39 -6.10 8.38
N LEU B 193 -17.94 -6.35 9.57
CA LEU B 193 -19.37 -6.24 9.82
C LEU B 193 -20.11 -7.35 9.09
C10 25G C . 16.77 14.31 10.59
C17 25G C . 17.93 9.92 14.78
C20 25G C . 19.55 8.01 15.30
C21 25G C . 18.80 7.66 16.50
C22 25G C . 17.62 8.44 16.86
C24 25G C . 14.73 9.86 15.69
C26 25G C . 13.46 9.93 16.43
C28 25G C . 13.46 9.00 13.67
C01 25G C . 11.62 13.19 15.87
C02 25G C . 11.95 13.10 14.40
C03 25G C . 13.40 13.44 14.10
C04 25G C . 13.76 14.77 14.66
C05 25G C . 13.51 14.84 16.16
C06 25G C . 12.07 14.49 16.50
C07 25G C . 13.55 13.44 12.59
C08 25G C . 14.98 13.41 12.11
C09 25G C . 15.42 14.35 11.06
C11 25G C . 17.70 13.38 11.18
C12 25G C . 17.23 12.47 12.25
N13 25G C . 15.87 12.49 12.71
C14 25G C . 18.09 11.47 12.89
O15 25G C . 19.23 11.24 12.49
N16 25G C . 17.45 10.93 13.97
C18 25G C . 17.18 9.54 15.99
C19 25G C . 19.13 9.13 14.44
C23 25G C . 15.96 10.32 16.37
C25 25G C . 12.19 9.52 15.79
C27 25G C . 14.75 9.40 14.30
C29 25G C . 12.20 9.05 14.43
C30 25G C . 19.24 6.61 17.45
N31 25G C . 20.02 5.56 17.12
N32 25G C . 18.91 6.61 18.71
N33 25G C . 19.50 5.54 19.24
N34 25G C . 20.16 4.91 18.27
H101 25G C . 17.07 14.93 9.90
H201 25G C . 20.35 7.50 15.08
H221 25G C . 17.12 8.23 17.67
H261 25G C . 13.46 10.25 17.34
H281 25G C . 13.45 8.67 12.75
H012 25G C . 12.05 12.45 16.33
H011 25G C . 10.65 13.12 15.97
H021 25G C . 11.77 12.20 14.09
H022 25G C . 11.37 13.72 13.90
H031 25G C . 13.98 12.76 14.49
H042 25G C . 14.70 14.95 14.50
H041 25G C . 13.22 15.46 14.22
H051 25G C . 14.12 14.22 16.62
H052 25G C . 13.70 15.75 16.48
H061 25G C . 11.99 14.40 17.48
H062 25G C . 11.49 15.21 16.20
H071 25G C . 13.09 12.67 12.22
H072 25G C . 13.13 14.26 12.23
H091 25G C . 14.78 14.98 10.66
H111 25G C . 18.63 13.35 10.88
H161 25G C . 16.60 11.21 14.13
H191 25G C . 19.63 9.33 13.63
H232 25G C . 16.12 11.27 16.17
H231 25G C . 15.83 10.23 17.34
H251 25G C . 11.36 9.57 16.29
H271 25G C . 15.58 9.36 13.79
H291 25G C . 11.36 8.78 14.01
C1 GOL D . -15.65 -25.03 -0.82
O1 GOL D . -16.16 -25.54 -2.04
C2 GOL D . -14.26 -25.61 -0.61
O2 GOL D . -13.35 -24.92 -1.46
C3 GOL D . -13.83 -25.46 0.84
O3 GOL D . -12.90 -26.49 1.15
H11 GOL D . -15.60 -23.94 -0.86
H12 GOL D . -16.30 -25.33 0.00
HO1 GOL D . -17.07 -25.23 -2.16
H2 GOL D . -14.27 -26.67 -0.87
HO2 GOL D . -13.33 -23.98 -1.21
H31 GOL D . -13.36 -24.49 1.00
H32 GOL D . -14.70 -25.55 1.49
HO3 GOL D . -12.23 -26.55 0.43
S DMS E . 4.47 -1.45 -1.21
O DMS E . 4.89 -0.76 -2.47
C1 DMS E . 5.84 -1.96 -0.10
C2 DMS E . 3.51 -0.30 -0.16
H11 DMS E . 6.41 -2.71 -0.59
H12 DMS E . 5.44 -2.36 0.79
H13 DMS E . 6.45 -1.13 0.12
H21 DMS E . 3.29 -0.77 0.77
H22 DMS E . 2.60 -0.05 -0.64
H23 DMS E . 4.08 0.58 0.02
S DMS F . -10.27 -31.63 13.48
O DMS F . -11.50 -32.25 14.02
C1 DMS F . -9.48 -30.37 14.54
C2 DMS F . -9.37 -32.46 12.11
H11 DMS F . -8.56 -30.06 14.10
H12 DMS F . -9.28 -30.79 15.49
H13 DMS F . -10.12 -29.54 14.64
H21 DMS F . -9.14 -33.46 12.39
H22 DMS F . -8.47 -31.94 11.91
H23 DMS F . -9.98 -32.47 11.25
C10 25G G . -13.13 -22.99 8.62
C17 25G G . -12.91 -17.55 11.46
C20 25G G . -12.88 -16.68 13.81
C21 25G G . -12.78 -15.32 13.22
C22 25G G . -12.72 -15.04 11.78
C24 25G G . -11.36 -15.99 8.83
C26 25G G . -11.22 -16.26 7.36
C28 25G G . -8.79 -15.84 9.07
C01 25G G . -7.30 -19.37 6.20
C02 25G G . -8.75 -19.60 5.86
C03 25G G . -9.59 -20.16 7.01
C04 25G G . -8.91 -21.40 7.60
C05 25G G . -7.44 -21.20 7.93
C06 25G G . -6.63 -20.59 6.80
C07 25G G . -11.00 -20.44 6.54
C08 25G G . -11.86 -21.03 7.60
C09 25G G . -12.31 -22.45 7.58
C11 25G G . -13.48 -22.17 9.74
C12 25G G . -13.04 -20.77 9.71
N13 25G G . -12.22 -20.22 8.70
C14 25G G . -13.40 -19.86 10.82
O15 25G G . -14.11 -20.23 11.71
N16 25G G . -12.86 -18.61 10.58
C18 25G G . -12.74 -16.20 10.89
C19 25G G . -12.95 -17.85 12.91
C23 25G G . -12.72 -15.95 9.41
C25 25G G . -9.85 -16.31 6.76
C27 25G G . -10.17 -15.78 9.69
C29 25G G . -8.65 -16.10 7.61
C30 25G G . -12.73 -14.15 14.10
N31 25G G . -12.86 -14.22 15.42
N32 25G G . -12.54 -12.92 13.68
N33 25G G . -12.55 -12.11 14.79
N34 25G G . -12.72 -12.95 15.82
H101 25G G . -13.41 -23.92 8.59
H201 25G G . -12.93 -16.79 14.78
H221 25G G . -12.65 -14.13 11.44
H261 25G G . -12.01 -16.39 6.81
H281 25G G . -8.01 -15.71 9.63
H012 25G G . -7.25 -18.64 6.85
H011 25G G . -6.83 -19.12 5.39
H021 25G G . -9.14 -18.75 5.59
H022 25G G . -8.79 -20.23 5.11
H031 25G G . -9.63 -19.48 7.71
H042 25G G . -9.39 -21.66 8.42
H041 25G G . -8.98 -22.13 6.95
H051 25G G . -7.38 -20.61 8.72
H052 25G G . -7.06 -22.07 8.17
H061 25G G . -5.75 -20.34 7.14
H062 25G G . -6.52 -21.26 6.10
H071 25G G . -11.41 -19.60 6.23
H072 25G G . -10.95 -21.06 5.80
H091 25G G . -12.05 -23.02 6.83
H111 25G G . -14.06 -22.51 10.46
H161 25G G . -12.32 -18.53 9.85
H191 25G G . -13.00 -18.76 13.25
H232 25G G . -13.13 -15.08 9.22
H231 25G G . -13.24 -16.64 8.97
H251 25G G . -9.75 -16.47 5.80
H271 25G G . -10.27 -15.61 10.64
H291 25G G . -7.75 -16.13 7.22
C10 25G H . -18.40 -19.45 6.74
C17 25G H . -20.17 -16.37 1.70
C20 25G H . -21.55 -16.61 -0.41
C21 25G H . -21.79 -15.16 -0.44
C22 25G H . -21.25 -14.30 0.58
C24 25G H . -18.53 -13.61 2.45
C26 25G H . -17.46 -14.09 3.33
C28 25G H . -16.88 -12.22 1.09
C01 25G H . -12.60 -16.80 3.48
C02 25G H . -13.75 -16.26 4.31
C03 25G H . -14.35 -17.20 5.34
C04 25G H . -14.45 -18.62 4.87
C05 25G H . -13.35 -19.21 4.02
C06 25G H . -12.23 -18.25 3.65
C07 25G H . -15.75 -16.67 5.82
C08 25G H . -16.95 -17.57 5.81
C09 25G H . -17.25 -18.60 6.85
C11 25G H . -19.29 -19.24 5.63
C12 25G H . -18.95 -18.24 4.62
N13 25G H . -17.83 -17.36 4.72
C14 25G H . -19.81 -18.00 3.46
O15 25G H . -20.76 -18.69 3.18
N16 25G H . -19.44 -16.86 2.75
C18 25G H . -20.45 -14.92 1.63
C19 25G H . -20.72 -17.22 0.65
C23 25G H . -19.93 -14.05 2.73
C25 25G H . -16.07 -13.63 3.12
C27 25G H . -18.27 -12.69 1.30
C29 25G H . -15.80 -12.73 1.97
C30 25G H . -22.61 -14.58 -1.50
N31 25G H . -23.54 -15.26 -2.19
N32 25G H . -22.59 -13.29 -1.84
N33 25G H . -23.51 -13.17 -2.81
N34 25G H . -24.08 -14.37 -3.02
H101 25G H . -18.61 -20.12 7.43
H201 25G H . -21.91 -17.17 -1.12
H221 25G H . -21.43 -13.33 0.59
H261 25G H . -17.67 -14.68 4.08
H281 25G H . -16.67 -11.63 0.34
H012 25G H . -11.81 -16.29 3.75
H011 25G H . -12.77 -16.63 2.54
H021 25G H . -13.45 -15.45 4.76
H022 25G H . -14.46 -16.02 3.68
H031 25G H . -13.77 -17.19 6.12
H042 25G H . -14.55 -19.18 5.66
H041 25G H . -15.28 -18.68 4.36
H051 25G H . -12.94 -19.94 4.53
H052 25G H . -13.74 -19.58 3.20
H061 25G H . -11.51 -18.32 4.31
H062 25G H . -11.88 -18.54 2.79
H071 25G H . -15.63 -16.34 6.74
H072 25G H . -15.96 -15.91 5.26
H091 25G H . -16.63 -18.72 7.61
H111 25G H . -20.08 -19.79 5.53
H161 25G H . -18.75 -16.36 3.06
H191 25G H . -20.57 -18.17 0.66
H232 25G H . -19.96 -14.54 3.57
H231 25G H . -20.50 -13.26 2.79
H251 25G H . -15.34 -13.95 3.69
H271 25G H . -19.00 -12.38 0.74
H291 25G H . -14.88 -12.43 1.81
#